data_5MCO
#
_entry.id   5MCO
#
_cell.length_a   101.493
_cell.length_b   101.493
_cell.length_c   117.184
_cell.angle_alpha   90.00
_cell.angle_beta   90.00
_cell.angle_gamma   120.00
#
_symmetry.space_group_name_H-M   'P 32 2 1'
#
loop_
_entity.id
_entity.type
_entity.pdbx_description
1 polymer 'Beta-secretase 1'
2 polymer 'BACE-1 EXOSITE PEPTIDE'
3 non-polymer "N-{(1S,2R)-1-benzyl-2-hydroxy-3-[(3-methoxybenzyl)amino]propyl}-5-[methyl(methylsulfonyl)amino]-N'-[(1R)-1-phenylethyl]benzene-1,3-dicarboxamide"
4 water water
#
loop_
_entity_poly.entity_id
_entity_poly.type
_entity_poly.pdbx_seq_one_letter_code
_entity_poly.pdbx_strand_id
1 'polypeptide(L)'
;ETDEEPEEPGRRGSFVEMVDNLRGKSGQGYYVEMTVGSPPQTLNILVDTGSSNFAVGAAPHPFLHRYYQRQLSSTYRDLR
KGVYVPYTQGKWEGELGTDLVSIPHGPNVTVRANIAAITESDKFFINGSNWEGILGLAYAEIARPDDSLEPFFDSLVKQT
HVPNLFSLQLCGAGFPLNQSEVLASVGGSMIIGGIDHSLYTGSLWYTPIRREWYYEVIIVRVEINGQDLKMDCKEYNYDK
SIVDSGTTNLRLPKKVFEAAVASIKAASSTEKFPDGFWLGEQLVCWQAGTTPWNIFPVISLYLMGEVTNQSFRITILPQQ
YLRPVEDVATSQDDCYKFAISQSSTGTVMGAVIMEGFYVVFDRARKRIGFAVSACHVHDEFRTAAVEGPFVTLDMEDCGY
NIPQTDEST
;
A
2 'polypeptide(L)' (ACE)ALYPYFLPISAK B
#
loop_
_chem_comp.id
_chem_comp.type
_chem_comp.name
_chem_comp.formula
ACE non-polymer 'ACETYL GROUP' 'C2 H4 O'
BSD non-polymer N-{(1S,2R)-1-benzyl-2-hydroxy-3-[(3-methoxybenzyl)amino]propyl}-5-[methyl(methylsulfonyl)amino]-N'-[(1R)-1-phenylethyl]benzene-1,3-dicarboxamide 'C36 H42 N4 O6 S'
#
# COMPACT_ATOMS: atom_id res chain seq x y z
N GLY A 10 17.73 17.25 -3.29
CA GLY A 10 18.10 18.35 -2.33
C GLY A 10 19.09 18.03 -1.17
N ARG A 11 20.07 18.93 -1.00
CA ARG A 11 21.18 18.94 0.03
C ARG A 11 22.09 17.67 0.20
N ARG A 12 21.97 16.93 1.31
CA ARG A 12 22.81 15.75 1.58
C ARG A 12 22.15 14.39 1.18
N GLY A 13 20.81 14.41 1.02
CA GLY A 13 19.99 13.18 0.94
C GLY A 13 20.20 12.15 2.05
N SER A 14 20.44 12.60 3.30
CA SER A 14 20.61 11.67 4.45
C SER A 14 19.25 11.13 4.92
N PHE A 15 19.19 10.07 5.73
CA PHE A 15 17.82 9.60 6.09
C PHE A 15 16.96 10.66 6.80
N VAL A 16 17.57 11.50 7.66
CA VAL A 16 16.78 12.46 8.40
C VAL A 16 16.04 13.37 7.39
N GLU A 17 16.62 13.64 6.25
CA GLU A 17 15.96 14.50 5.31
C GLU A 17 14.81 13.82 4.59
N MET A 18 14.67 12.51 4.69
CA MET A 18 13.62 11.85 3.94
C MET A 18 12.45 11.51 4.88
N VAL A 19 12.68 11.57 6.19
CA VAL A 19 11.57 11.25 7.10
C VAL A 19 10.38 12.18 6.83
N ASP A 20 9.15 11.67 6.75
CA ASP A 20 8.01 12.61 6.59
C ASP A 20 7.90 13.24 5.16
N ASN A 21 8.53 12.60 4.18
CA ASN A 21 8.49 13.08 2.85
C ASN A 21 7.17 12.68 2.11
N LEU A 22 6.22 11.97 2.77
CA LEU A 22 4.92 11.56 2.19
C LEU A 22 3.75 12.33 2.81
N ARG A 23 2.75 12.66 2.01
CA ARG A 23 1.58 13.36 2.46
C ARG A 23 0.43 12.64 1.74
N GLY A 24 -0.81 12.88 2.20
CA GLY A 24 -2.03 12.45 1.49
C GLY A 24 -3.31 12.97 2.14
N LYS A 25 -4.45 12.71 1.51
CA LYS A 25 -5.77 12.86 2.16
C LYS A 25 -6.23 11.47 2.55
N SER A 26 -6.75 11.43 3.77
CA SER A 26 -7.21 10.19 4.31
C SER A 26 -8.04 9.48 3.24
N GLY A 27 -7.56 8.31 2.84
CA GLY A 27 -8.34 7.45 1.97
C GLY A 27 -8.03 7.76 0.52
N GLN A 28 -7.04 8.65 0.28
CA GLN A 28 -6.80 8.88 -1.16
C GLN A 28 -5.40 8.68 -1.70
N GLY A 29 -4.51 8.05 -0.92
CA GLY A 29 -3.22 7.62 -1.42
C GLY A 29 -2.10 8.46 -0.86
N TYR A 30 -0.93 7.84 -0.63
CA TYR A 30 0.22 8.56 -0.15
C TYR A 30 1.08 8.94 -1.32
N TYR A 31 1.56 10.19 -1.40
CA TYR A 31 2.40 10.58 -2.51
C TYR A 31 3.65 11.27 -2.00
N VAL A 32 4.67 11.29 -2.85
CA VAL A 32 5.91 11.99 -2.59
C VAL A 32 6.09 13.06 -3.68
N GLU A 33 6.82 14.12 -3.37
CA GLU A 33 7.05 15.13 -4.37
C GLU A 33 8.18 14.70 -5.30
N MET A 34 8.05 14.85 -6.62
CA MET A 34 9.16 14.56 -7.58
C MET A 34 9.33 15.72 -8.56
N THR A 35 10.47 15.78 -9.25
CA THR A 35 10.61 16.79 -10.33
C THR A 35 10.96 16.06 -11.58
N VAL A 36 10.28 16.41 -12.67
CA VAL A 36 10.63 15.84 -13.96
C VAL A 36 10.93 16.95 -14.98
N GLY A 37 11.96 16.71 -15.80
CA GLY A 37 12.26 17.59 -16.92
C GLY A 37 13.25 18.72 -16.67
N SER A 38 13.67 19.41 -17.71
CA SER A 38 14.58 20.54 -17.50
C SER A 38 14.01 21.75 -18.23
N PRO A 39 13.74 22.85 -17.49
CA PRO A 39 13.80 23.02 -16.02
C PRO A 39 12.79 22.13 -15.33
N PRO A 40 13.01 21.86 -14.03
CA PRO A 40 12.21 20.91 -13.23
C PRO A 40 10.76 21.29 -13.22
N GLN A 41 9.87 20.33 -13.39
CA GLN A 41 8.44 20.58 -13.27
C GLN A 41 8.06 19.73 -12.09
N THR A 42 7.34 20.29 -11.10
CA THR A 42 7.11 19.61 -9.83
C THR A 42 5.75 18.98 -9.77
N LEU A 43 5.70 17.71 -9.37
CA LEU A 43 4.40 16.98 -9.31
C LEU A 43 4.37 16.08 -8.09
N ASN A 44 3.20 15.86 -7.51
CA ASN A 44 3.03 14.92 -6.44
C ASN A 44 2.73 13.54 -7.03
N ILE A 45 3.52 12.55 -6.61
CA ILE A 45 3.44 11.25 -7.25
C ILE A 45 3.05 10.17 -6.20
N LEU A 46 1.99 9.41 -6.52
CA LEU A 46 1.52 8.35 -5.64
C LEU A 46 2.54 7.19 -5.49
N VAL A 47 2.82 6.77 -4.28
CA VAL A 47 3.82 5.75 -4.10
C VAL A 47 3.05 4.42 -4.17
N ASP A 48 3.35 3.58 -5.18
CA ASP A 48 2.58 2.32 -5.48
C ASP A 48 3.49 1.09 -5.56
N THR A 49 3.53 0.27 -4.50
CA THR A 49 4.37 -0.92 -4.60
C THR A 49 3.65 -2.02 -5.39
N GLY A 50 2.42 -1.72 -5.87
CA GLY A 50 1.59 -2.70 -6.53
C GLY A 50 1.77 -2.73 -8.05
N SER A 51 2.65 -1.91 -8.63
CA SER A 51 2.72 -1.89 -10.09
C SER A 51 4.06 -1.38 -10.45
N SER A 52 4.38 -1.28 -11.72
CA SER A 52 5.78 -1.00 -12.04
C SER A 52 5.98 0.06 -13.08
N ASN A 53 4.96 0.83 -13.38
CA ASN A 53 5.14 1.91 -14.33
C ASN A 53 5.22 3.25 -13.65
N PHE A 54 6.09 4.11 -14.15
CA PHE A 54 6.12 5.47 -13.63
C PHE A 54 5.30 6.24 -14.61
N ALA A 55 4.24 6.94 -14.17
CA ALA A 55 3.34 7.62 -15.12
C ALA A 55 2.83 8.90 -14.53
N VAL A 56 2.80 9.98 -15.31
CA VAL A 56 2.30 11.26 -14.80
C VAL A 56 1.23 11.82 -15.74
N GLY A 57 0.22 12.50 -15.19
CA GLY A 57 -0.70 13.32 -16.03
C GLY A 57 0.10 14.24 -16.97
N ALA A 58 -0.29 14.28 -18.23
CA ALA A 58 0.41 15.08 -19.20
C ALA A 58 -0.60 15.77 -20.07
N ALA A 59 -1.82 15.91 -19.56
CA ALA A 59 -2.89 16.53 -20.31
C ALA A 59 -3.90 17.03 -19.25
N PRO A 60 -4.65 18.12 -19.57
CA PRO A 60 -5.66 18.62 -18.60
C PRO A 60 -6.63 17.54 -18.26
N HIS A 61 -7.06 17.52 -17.00
CA HIS A 61 -8.04 16.58 -16.50
C HIS A 61 -8.74 17.27 -15.33
N PRO A 62 -10.07 17.19 -15.27
CA PRO A 62 -10.70 18.03 -14.24
C PRO A 62 -10.23 17.76 -12.79
N PHE A 63 -9.61 16.62 -12.51
CA PHE A 63 -9.15 16.34 -11.15
C PHE A 63 -7.70 16.77 -10.92
N LEU A 64 -6.97 17.09 -11.99
CA LEU A 64 -5.57 17.50 -11.92
C LEU A 64 -5.41 19.01 -11.87
N HIS A 65 -4.64 19.51 -10.91
CA HIS A 65 -4.37 20.92 -10.84
C HIS A 65 -3.13 21.30 -11.61
N ARG A 66 -2.29 20.32 -11.94
CA ARG A 66 -1.15 20.62 -12.79
C ARG A 66 -0.80 19.38 -13.57
N TYR A 67 0.01 19.46 -14.61
CA TYR A 67 0.39 18.24 -15.24
C TYR A 67 1.72 18.42 -15.92
N TYR A 68 2.38 17.33 -16.32
CA TYR A 68 3.69 17.39 -17.03
C TYR A 68 3.56 17.85 -18.50
N GLN A 69 4.30 18.88 -18.87
CA GLN A 69 4.29 19.37 -20.25
C GLN A 69 5.66 19.09 -20.88
N ARG A 70 5.66 18.08 -21.73
CA ARG A 70 6.78 17.62 -22.46
C ARG A 70 7.44 18.73 -23.22
N GLN A 71 6.65 19.52 -23.92
CA GLN A 71 7.24 20.51 -24.82
C GLN A 71 8.13 21.46 -24.03
N LEU A 72 7.90 21.57 -22.72
CA LEU A 72 8.70 22.50 -21.87
C LEU A 72 10.03 21.98 -21.43
N SER A 73 10.27 20.69 -21.63
CA SER A 73 11.47 20.08 -21.06
C SER A 73 12.53 19.84 -22.18
N SER A 74 13.72 20.40 -22.02
CA SER A 74 14.68 20.27 -23.08
C SER A 74 15.30 18.88 -23.04
N THR A 75 14.94 18.07 -22.07
CA THR A 75 15.64 16.82 -21.89
C THR A 75 14.75 15.64 -22.14
N TYR A 76 13.49 15.93 -22.44
CA TYR A 76 12.51 14.93 -22.83
C TYR A 76 12.95 14.20 -24.11
N ARG A 77 12.74 12.89 -24.17
CA ARG A 77 12.90 12.12 -25.42
C ARG A 77 11.72 11.22 -25.59
N ASP A 78 11.15 11.24 -26.79
CA ASP A 78 9.97 10.44 -27.12
C ASP A 78 10.43 9.00 -27.45
N LEU A 79 9.82 7.95 -26.88
CA LEU A 79 10.18 6.58 -27.30
C LEU A 79 9.27 6.08 -28.41
N ARG A 80 8.38 6.97 -28.87
CA ARG A 80 7.46 6.75 -29.99
C ARG A 80 6.65 5.44 -29.89
N LYS A 81 6.14 5.12 -28.72
CA LYS A 81 5.48 3.87 -28.45
C LYS A 81 4.43 4.36 -27.47
N GLY A 82 3.21 3.89 -27.65
CA GLY A 82 2.11 4.24 -26.72
C GLY A 82 2.07 3.14 -25.68
N VAL A 83 1.21 3.25 -24.66
CA VAL A 83 1.15 2.34 -23.52
C VAL A 83 -0.23 2.44 -22.87
N TYR A 84 -0.73 1.32 -22.34
CA TYR A 84 -2.06 1.23 -21.72
C TYR A 84 -2.00 0.42 -20.46
N VAL A 85 -2.41 0.98 -19.33
CA VAL A 85 -2.34 0.22 -18.11
C VAL A 85 -3.72 0.15 -17.48
N PRO A 86 -4.28 -1.04 -17.28
CA PRO A 86 -5.48 -1.11 -16.44
C PRO A 86 -5.13 -1.63 -15.06
N TYR A 87 -5.66 -1.04 -13.99
CA TYR A 87 -5.50 -1.62 -12.69
C TYR A 87 -6.79 -2.24 -12.30
N THR A 88 -6.83 -2.75 -11.09
CA THR A 88 -8.04 -3.21 -10.45
C THR A 88 -9.00 -2.07 -10.36
N GLN A 89 -8.51 -0.88 -9.98
CA GLN A 89 -9.32 0.33 -9.98
C GLN A 89 -8.73 1.31 -10.98
N GLY A 90 -9.48 1.77 -11.98
CA GLY A 90 -8.92 2.72 -12.95
C GLY A 90 -8.00 2.24 -14.07
N LYS A 91 -7.81 3.07 -15.09
CA LYS A 91 -6.94 2.71 -16.20
C LYS A 91 -6.42 3.97 -16.79
N TRP A 92 -5.36 3.90 -17.59
CA TRP A 92 -4.94 5.12 -18.32
C TRP A 92 -4.16 4.69 -19.55
N GLU A 93 -4.03 5.63 -20.48
CA GLU A 93 -3.13 5.41 -21.62
C GLU A 93 -2.33 6.69 -21.88
N GLY A 94 -1.20 6.54 -22.56
CA GLY A 94 -0.44 7.73 -22.89
C GLY A 94 0.74 7.31 -23.71
N GLU A 95 1.76 8.17 -23.74
CA GLU A 95 2.94 8.00 -24.59
C GLU A 95 4.22 7.77 -23.74
N LEU A 96 5.07 6.83 -24.18
CA LEU A 96 6.32 6.56 -23.47
C LEU A 96 7.34 7.52 -23.93
N GLY A 97 8.22 7.86 -22.97
CA GLY A 97 9.33 8.68 -23.24
C GLY A 97 10.25 8.53 -22.05
N THR A 98 11.33 9.33 -22.07
CA THR A 98 12.26 9.36 -20.96
C THR A 98 12.60 10.83 -20.61
N ASP A 99 12.98 11.07 -19.35
CA ASP A 99 13.33 12.42 -18.95
C ASP A 99 14.08 12.29 -17.67
N LEU A 100 14.72 13.41 -17.28
CA LEU A 100 15.44 13.54 -16.03
C LEU A 100 14.47 13.67 -14.87
N VAL A 101 14.73 12.94 -13.77
CA VAL A 101 13.78 12.84 -12.65
C VAL A 101 14.53 13.01 -11.28
N SER A 102 13.98 13.77 -10.35
CA SER A 102 14.53 13.87 -9.00
C SER A 102 13.48 13.78 -7.98
N ILE A 103 13.93 13.66 -6.74
CA ILE A 103 13.05 13.58 -5.61
C ILE A 103 13.59 14.59 -4.58
N PRO A 104 13.01 15.80 -4.54
CA PRO A 104 13.54 16.82 -3.62
C PRO A 104 13.73 16.37 -2.14
N HIS A 105 12.95 15.42 -1.59
CA HIS A 105 13.12 14.97 -0.21
C HIS A 105 13.44 13.52 -0.18
N GLY A 106 14.18 13.09 -1.21
CA GLY A 106 14.81 11.77 -1.27
C GLY A 106 16.33 11.83 -1.53
N PRO A 107 16.87 10.83 -2.21
CA PRO A 107 18.31 10.89 -2.44
C PRO A 107 18.67 12.12 -3.26
N ASN A 108 19.92 12.50 -3.24
CA ASN A 108 20.32 13.67 -3.96
C ASN A 108 20.86 13.29 -5.37
N VAL A 109 19.98 12.87 -6.24
CA VAL A 109 20.42 12.30 -7.48
C VAL A 109 19.40 12.65 -8.53
N THR A 110 19.79 12.53 -9.78
CA THR A 110 18.93 12.80 -10.91
C THR A 110 19.05 11.56 -11.78
N VAL A 111 17.94 11.01 -12.28
CA VAL A 111 18.04 9.82 -13.12
C VAL A 111 17.23 9.99 -14.37
N ARG A 112 17.74 9.50 -15.49
CA ARG A 112 16.92 9.42 -16.70
C ARG A 112 16.07 8.15 -16.51
N ALA A 113 14.75 8.30 -16.56
CA ALA A 113 13.82 7.24 -16.31
C ALA A 113 12.76 7.24 -17.38
N ASN A 114 12.16 6.08 -17.59
CA ASN A 114 11.01 5.97 -18.44
C ASN A 114 9.89 6.68 -17.76
N ILE A 115 9.17 7.48 -18.55
CA ILE A 115 7.95 8.18 -18.12
C ILE A 115 6.80 7.87 -19.10
N ALA A 116 5.67 7.47 -18.56
CA ALA A 116 4.45 7.51 -19.34
C ALA A 116 3.74 8.83 -19.09
N ALA A 117 3.57 9.60 -20.15
CA ALA A 117 2.72 10.81 -20.22
C ALA A 117 1.25 10.38 -20.42
N ILE A 118 0.51 10.27 -19.33
CA ILE A 118 -0.94 10.02 -19.41
C ILE A 118 -1.75 11.09 -20.18
N THR A 119 -2.37 10.70 -21.29
CA THR A 119 -3.21 11.63 -22.08
C THR A 119 -4.68 11.37 -21.96
N GLU A 120 -5.07 10.14 -21.57
CA GLU A 120 -6.47 9.84 -21.31
C GLU A 120 -6.53 8.91 -20.09
N SER A 121 -7.54 9.05 -19.25
CA SER A 121 -7.68 8.10 -18.17
C SER A 121 -9.14 7.87 -17.79
N ASP A 122 -9.41 6.81 -17.02
CA ASP A 122 -10.76 6.53 -16.56
C ASP A 122 -10.80 6.01 -15.14
N LYS A 123 -11.47 6.72 -14.26
CA LYS A 123 -11.54 6.31 -12.86
C LYS A 123 -10.16 6.10 -12.22
N PHE A 124 -9.16 6.80 -12.74
CA PHE A 124 -7.83 6.69 -12.18
C PHE A 124 -7.58 7.85 -11.22
N PHE A 125 -7.39 9.09 -11.72
CA PHE A 125 -7.18 10.24 -10.80
C PHE A 125 -8.32 10.36 -9.81
N ILE A 126 -8.04 10.95 -8.64
CA ILE A 126 -9.03 10.98 -7.55
C ILE A 126 -9.22 12.43 -7.16
N ASN A 127 -10.48 12.86 -7.13
CA ASN A 127 -10.82 14.25 -6.83
C ASN A 127 -10.34 14.74 -5.46
N GLY A 128 -9.49 15.75 -5.37
CA GLY A 128 -8.95 16.19 -4.07
C GLY A 128 -7.80 15.40 -3.47
N SER A 129 -7.35 14.32 -4.10
CA SER A 129 -6.26 13.51 -3.58
C SER A 129 -4.92 14.29 -3.56
N ASN A 130 -4.86 15.30 -4.42
CA ASN A 130 -3.69 16.17 -4.57
C ASN A 130 -2.43 15.56 -5.20
N TRP A 131 -2.56 14.37 -5.84
CA TRP A 131 -1.43 13.81 -6.59
C TRP A 131 -1.74 13.71 -8.05
N GLU A 132 -0.70 13.66 -8.90
CA GLU A 132 -0.88 13.81 -10.35
C GLU A 132 -0.20 12.72 -11.11
N GLY A 133 0.45 11.78 -10.43
CA GLY A 133 1.05 10.64 -11.13
C GLY A 133 1.19 9.47 -10.18
N ILE A 134 1.90 8.43 -10.62
CA ILE A 134 2.04 7.23 -9.83
C ILE A 134 3.44 6.68 -10.08
N LEU A 135 4.04 6.15 -9.02
CA LEU A 135 5.39 5.64 -9.07
C LEU A 135 5.26 4.14 -8.86
N GLY A 136 5.41 3.32 -9.90
CA GLY A 136 5.35 1.86 -9.72
C GLY A 136 6.71 1.41 -9.25
N LEU A 137 6.74 0.82 -8.07
CA LEU A 137 8.02 0.39 -7.49
C LEU A 137 8.22 -1.12 -7.54
N ALA A 138 7.26 -1.87 -8.09
CA ALA A 138 7.51 -3.31 -8.22
C ALA A 138 8.45 -3.63 -9.44
N TYR A 139 8.48 -4.88 -9.88
CA TYR A 139 9.55 -5.28 -10.77
C TYR A 139 9.11 -5.24 -12.23
N ALA A 140 10.05 -5.44 -13.15
CA ALA A 140 9.83 -5.27 -14.60
C ALA A 140 8.79 -6.20 -15.15
N GLU A 141 8.75 -7.41 -14.61
CA GLU A 141 7.88 -8.40 -15.12
C GLU A 141 6.38 -7.99 -15.29
N ILE A 142 5.91 -7.04 -14.51
CA ILE A 142 4.53 -6.62 -14.59
C ILE A 142 4.42 -5.20 -15.15
N ALA A 143 5.51 -4.66 -15.72
CA ALA A 143 5.44 -3.36 -16.37
C ALA A 143 4.75 -3.49 -17.74
N ARG A 144 3.98 -2.48 -18.14
CA ARG A 144 3.38 -2.46 -19.44
C ARG A 144 4.23 -1.47 -20.24
N PRO A 145 4.43 -1.73 -21.57
CA PRO A 145 3.72 -2.79 -22.36
C PRO A 145 4.28 -4.21 -22.16
N ASP A 146 5.57 -4.29 -21.83
CA ASP A 146 6.18 -5.56 -21.42
C ASP A 146 7.40 -5.22 -20.52
N ASP A 147 8.13 -6.28 -20.10
CA ASP A 147 9.15 -6.18 -19.05
C ASP A 147 10.45 -5.56 -19.52
N SER A 148 10.50 -5.08 -20.73
CA SER A 148 11.72 -4.42 -21.19
C SER A 148 11.63 -2.89 -20.91
N LEU A 149 10.49 -2.43 -20.42
CA LEU A 149 10.36 -1.05 -19.98
C LEU A 149 10.88 -0.93 -18.54
N GLU A 150 12.16 -0.67 -18.38
CA GLU A 150 12.77 -0.59 -17.01
C GLU A 150 11.98 0.27 -15.99
N PRO A 151 11.58 -0.27 -14.85
CA PRO A 151 10.89 0.59 -13.84
C PRO A 151 11.82 1.62 -13.24
N PHE A 152 11.26 2.61 -12.57
CA PHE A 152 12.04 3.71 -12.01
C PHE A 152 13.11 3.24 -11.01
N PHE A 153 12.75 2.29 -10.15
CA PHE A 153 13.68 1.91 -9.10
C PHE A 153 14.88 1.21 -9.64
N ASP A 154 14.70 0.36 -10.66
CA ASP A 154 15.83 -0.25 -11.40
C ASP A 154 16.75 0.80 -12.00
N SER A 155 16.18 1.83 -12.60
CA SER A 155 16.96 2.90 -13.23
C SER A 155 17.74 3.63 -12.18
N LEU A 156 17.12 3.87 -11.01
CA LEU A 156 17.74 4.67 -10.03
C LEU A 156 19.00 3.92 -9.49
N VAL A 157 18.87 2.62 -9.23
CA VAL A 157 19.93 1.84 -8.67
C VAL A 157 21.06 1.67 -9.70
N LYS A 158 20.72 1.45 -10.98
CA LYS A 158 21.70 1.19 -12.06
C LYS A 158 22.51 2.47 -12.26
N GLN A 159 21.86 3.63 -12.29
CA GLN A 159 22.52 4.89 -12.59
C GLN A 159 23.17 5.59 -11.44
N THR A 160 22.91 5.19 -10.20
CA THR A 160 23.46 5.94 -9.08
C THR A 160 24.10 4.97 -8.08
N HIS A 161 24.47 5.43 -6.91
CA HIS A 161 25.07 4.43 -6.03
C HIS A 161 24.05 3.90 -5.02
N VAL A 162 22.82 4.39 -5.10
CA VAL A 162 21.83 4.19 -4.05
C VAL A 162 21.63 2.69 -3.77
N PRO A 163 21.70 2.25 -2.49
CA PRO A 163 21.49 0.81 -2.21
C PRO A 163 20.12 0.29 -2.69
N ASN A 164 20.08 -0.97 -3.14
CA ASN A 164 18.88 -1.54 -3.73
C ASN A 164 17.86 -1.92 -2.66
N LEU A 165 17.45 -0.93 -1.86
CA LEU A 165 16.25 -1.08 -1.03
C LEU A 165 15.52 0.22 -0.77
N PHE A 166 14.23 0.13 -0.46
CA PHE A 166 13.55 1.25 0.11
C PHE A 166 12.64 0.77 1.24
N SER A 167 12.12 1.69 2.06
CA SER A 167 11.19 1.29 3.13
C SER A 167 10.09 2.29 3.23
N LEU A 168 8.92 1.85 3.69
CA LEU A 168 7.78 2.74 3.74
C LEU A 168 7.18 2.74 5.13
N GLN A 169 6.95 3.93 5.64
CA GLN A 169 6.09 4.14 6.78
C GLN A 169 4.90 4.98 6.32
N LEU A 170 3.73 4.36 6.25
CA LEU A 170 2.47 5.04 5.96
C LEU A 170 1.67 5.34 7.24
N CYS A 171 1.34 6.59 7.49
CA CYS A 171 0.67 6.89 8.78
C CYS A 171 -0.77 7.14 8.53
N GLY A 172 -1.63 6.41 9.24
CA GLY A 172 -3.09 6.62 9.13
C GLY A 172 -3.63 7.90 9.77
N ALA A 173 -4.92 8.13 9.54
CA ALA A 173 -5.63 9.34 9.99
C ALA A 173 -5.41 9.72 11.48
N ALA A 184 -8.26 15.81 7.70
CA ALA A 184 -8.32 14.51 7.03
C ALA A 184 -7.03 14.25 6.24
N SER A 185 -5.93 14.77 6.76
CA SER A 185 -4.53 14.56 6.30
C SER A 185 -3.74 13.38 6.90
N VAL A 186 -3.03 12.68 6.01
CA VAL A 186 -2.16 11.63 6.45
C VAL A 186 -0.74 12.07 6.05
N GLY A 187 0.22 11.23 6.41
CA GLY A 187 1.64 11.51 6.12
C GLY A 187 2.36 10.18 6.13
N GLY A 188 3.68 10.22 6.18
CA GLY A 188 4.50 9.00 6.24
C GLY A 188 5.84 9.27 5.63
N SER A 189 6.61 8.23 5.37
CA SER A 189 7.98 8.35 4.87
C SER A 189 8.30 7.23 3.90
N MET A 190 9.01 7.61 2.83
CA MET A 190 9.73 6.70 2.01
C MET A 190 11.23 6.93 2.14
N ILE A 191 11.93 5.99 2.78
CA ILE A 191 13.37 6.10 2.88
C ILE A 191 13.95 5.37 1.70
N ILE A 192 14.45 6.08 0.71
CA ILE A 192 15.08 5.40 -0.44
C ILE A 192 16.57 5.04 -0.11
N GLY A 193 16.86 3.75 0.00
CA GLY A 193 18.23 3.32 0.18
C GLY A 193 18.58 2.81 1.56
N GLY A 194 17.61 2.65 2.44
CA GLY A 194 17.99 2.16 3.74
C GLY A 194 16.80 2.18 4.65
N ILE A 195 17.11 2.20 5.94
CA ILE A 195 16.16 1.94 7.01
C ILE A 195 16.38 3.05 8.02
N ASP A 196 15.32 3.70 8.51
CA ASP A 196 15.51 4.74 9.51
C ASP A 196 14.95 4.23 10.85
N HIS A 197 15.79 4.24 11.88
CA HIS A 197 15.46 3.66 13.20
C HIS A 197 14.40 4.38 13.98
N SER A 198 14.08 5.58 13.63
CA SER A 198 13.11 6.27 14.37
C SER A 198 11.72 6.00 13.83
N LEU A 199 11.55 5.28 12.72
CA LEU A 199 10.16 5.02 12.22
C LEU A 199 9.54 3.73 12.78
N TYR A 200 10.29 3.00 13.60
CA TYR A 200 9.74 1.75 14.14
C TYR A 200 10.27 1.51 15.50
N THR A 201 9.68 0.55 16.18
CA THR A 201 10.14 0.00 17.47
C THR A 201 10.15 -1.54 17.40
N GLY A 202 10.82 -2.20 18.33
CA GLY A 202 10.91 -3.68 18.29
C GLY A 202 11.86 -4.17 17.18
N SER A 203 11.68 -5.42 16.73
CA SER A 203 12.51 -6.02 15.71
C SER A 203 11.87 -6.02 14.33
N LEU A 204 12.73 -6.06 13.31
CA LEU A 204 12.37 -6.29 11.94
C LEU A 204 12.24 -7.82 11.72
N TRP A 205 11.10 -8.27 11.18
CA TRP A 205 10.93 -9.71 10.80
C TRP A 205 10.78 -9.75 9.30
N TYR A 206 11.47 -10.67 8.63
CA TYR A 206 11.49 -10.76 7.16
C TYR A 206 10.81 -12.05 6.61
N THR A 207 10.02 -11.84 5.56
CA THR A 207 9.43 -12.88 4.80
C THR A 207 10.10 -12.84 3.41
N PRO A 208 10.24 -13.98 2.76
CA PRO A 208 10.89 -13.93 1.40
C PRO A 208 10.00 -13.35 0.29
N ILE A 209 10.63 -12.65 -0.65
CA ILE A 209 9.97 -12.36 -1.87
C ILE A 209 9.95 -13.67 -2.69
N ARG A 210 8.77 -14.24 -2.88
CA ARG A 210 8.66 -15.52 -3.51
C ARG A 210 9.09 -15.47 -4.96
N ARG A 211 8.72 -14.39 -5.64
CA ARG A 211 9.06 -14.19 -7.06
C ARG A 211 9.12 -12.68 -7.29
N GLU A 212 10.07 -12.23 -8.13
CA GLU A 212 10.15 -10.79 -8.37
C GLU A 212 9.24 -10.27 -9.48
N TRP A 213 8.03 -9.87 -9.12
CA TRP A 213 7.08 -9.35 -10.15
C TRP A 213 6.22 -8.36 -9.42
N TYR A 214 5.23 -8.84 -8.68
CA TYR A 214 4.68 -8.05 -7.58
C TYR A 214 5.69 -8.32 -6.42
N TYR A 215 5.55 -7.61 -5.34
CA TYR A 215 6.22 -7.98 -4.13
C TYR A 215 5.37 -9.08 -3.55
N GLU A 216 5.52 -10.27 -4.10
CA GLU A 216 4.77 -11.49 -3.68
C GLU A 216 5.34 -12.15 -2.43
N VAL A 217 4.46 -12.43 -1.46
CA VAL A 217 4.81 -13.15 -0.22
C VAL A 217 3.89 -14.37 -0.01
N ILE A 218 4.18 -15.18 1.01
CA ILE A 218 3.33 -16.31 1.44
C ILE A 218 2.75 -16.18 2.89
N ILE A 219 1.43 -16.23 2.99
CA ILE A 219 0.75 -16.24 4.25
C ILE A 219 0.57 -17.71 4.64
N VAL A 220 0.97 -18.09 5.85
CA VAL A 220 0.92 -19.50 6.23
C VAL A 220 -0.08 -19.80 7.31
N ARG A 221 -0.71 -18.80 7.92
CA ARG A 221 -1.77 -19.06 8.91
C ARG A 221 -2.46 -17.75 9.14
N VAL A 222 -3.79 -17.76 9.27
CA VAL A 222 -4.52 -16.54 9.64
C VAL A 222 -5.25 -16.80 10.96
N GLU A 223 -5.16 -15.89 11.93
CA GLU A 223 -6.01 -15.96 13.14
C GLU A 223 -6.88 -14.71 13.32
N ILE A 224 -8.05 -14.86 13.88
CA ILE A 224 -8.91 -13.72 14.15
C ILE A 224 -9.21 -13.84 15.63
N ASN A 225 -8.94 -12.80 16.38
CA ASN A 225 -8.91 -12.93 17.85
C ASN A 225 -8.23 -14.13 18.49
N GLY A 226 -7.03 -14.45 18.03
CA GLY A 226 -6.39 -15.71 18.39
C GLY A 226 -6.99 -17.02 17.89
N GLN A 227 -8.15 -17.03 17.22
CA GLN A 227 -8.72 -18.31 16.75
C GLN A 227 -8.30 -18.56 15.30
N ASP A 228 -7.58 -19.62 15.02
CA ASP A 228 -7.20 -19.96 13.65
C ASP A 228 -8.39 -20.00 12.65
N LEU A 229 -8.31 -19.39 11.47
CA LEU A 229 -9.38 -19.59 10.44
C LEU A 229 -9.51 -21.04 9.97
N LYS A 230 -8.44 -21.84 10.10
CA LYS A 230 -8.51 -23.28 9.91
C LYS A 230 -8.79 -23.60 8.46
N MET A 231 -8.22 -22.87 7.52
CA MET A 231 -8.38 -23.27 6.14
C MET A 231 -7.08 -23.89 5.64
N ASP A 232 -7.11 -24.68 4.56
CA ASP A 232 -5.86 -25.09 3.94
C ASP A 232 -5.07 -23.83 3.54
N CYS A 233 -3.83 -23.72 4.03
CA CYS A 233 -3.06 -22.52 3.81
C CYS A 233 -2.88 -22.12 2.33
N LYS A 234 -2.99 -23.04 1.37
CA LYS A 234 -3.01 -22.59 -0.04
C LYS A 234 -4.14 -21.56 -0.38
N GLU A 235 -5.27 -21.63 0.34
CA GLU A 235 -6.40 -20.72 0.10
C GLU A 235 -6.02 -19.29 0.38
N TYR A 236 -5.06 -19.07 1.29
CA TYR A 236 -4.69 -17.74 1.66
C TYR A 236 -3.87 -17.02 0.60
N ASN A 237 -3.32 -17.76 -0.32
CA ASN A 237 -2.43 -17.24 -1.30
C ASN A 237 -2.93 -17.65 -2.67
N TYR A 238 -4.24 -17.84 -2.79
CA TYR A 238 -4.82 -18.26 -4.05
C TYR A 238 -5.24 -16.99 -4.79
N ASP A 239 -4.64 -16.63 -5.92
CA ASP A 239 -3.57 -17.35 -6.63
C ASP A 239 -2.21 -16.70 -6.32
N LYS A 240 -2.21 -15.60 -5.55
CA LYS A 240 -1.00 -14.99 -5.02
C LYS A 240 -1.31 -14.08 -3.82
N SER A 241 -0.26 -13.70 -3.10
CA SER A 241 -0.38 -12.63 -2.11
C SER A 241 0.64 -11.53 -2.34
N ILE A 242 0.19 -10.29 -2.33
CA ILE A 242 1.12 -9.21 -2.64
C ILE A 242 1.06 -8.14 -1.56
N VAL A 243 2.11 -7.36 -1.47
CA VAL A 243 2.12 -6.15 -0.64
C VAL A 243 2.07 -4.98 -1.61
N ASP A 244 0.99 -4.22 -1.51
CA ASP A 244 0.67 -3.21 -2.48
C ASP A 244 0.26 -1.84 -1.82
N SER A 245 1.18 -0.90 -1.72
CA SER A 245 0.83 0.41 -1.14
C SER A 245 -0.15 1.26 -1.94
N GLY A 246 -0.53 0.82 -3.14
CA GLY A 246 -1.51 1.55 -3.96
C GLY A 246 -2.95 1.05 -3.81
N THR A 247 -3.14 0.05 -2.97
CA THR A 247 -4.47 -0.43 -2.72
C THR A 247 -4.87 -0.06 -1.30
N THR A 248 -6.08 0.52 -1.16
CA THR A 248 -6.60 0.84 0.18
C THR A 248 -6.74 -0.37 1.12
N ASN A 249 -7.40 -1.45 0.66
CA ASN A 249 -7.97 -2.46 1.59
C ASN A 249 -7.08 -3.62 1.88
N LEU A 250 -7.35 -4.36 2.94
CA LEU A 250 -6.86 -5.74 2.91
C LEU A 250 -7.82 -6.53 2.00
N ARG A 251 -7.38 -6.91 0.82
CA ARG A 251 -8.23 -7.71 -0.08
C ARG A 251 -7.96 -9.18 0.14
N LEU A 252 -9.02 -9.98 0.28
CA LEU A 252 -8.86 -11.44 0.56
C LEU A 252 -9.59 -12.27 -0.50
N PRO A 253 -8.97 -13.44 -0.90
CA PRO A 253 -9.67 -14.28 -1.92
C PRO A 253 -11.05 -14.63 -1.36
N LYS A 254 -12.05 -14.75 -2.23
CA LYS A 254 -13.45 -15.02 -1.84
C LYS A 254 -13.68 -15.96 -0.64
N LYS A 255 -13.15 -17.18 -0.69
CA LYS A 255 -13.38 -18.13 0.39
C LYS A 255 -12.83 -17.65 1.70
N VAL A 256 -11.70 -16.98 1.65
CA VAL A 256 -11.07 -16.42 2.84
C VAL A 256 -11.78 -15.16 3.31
N PHE A 257 -12.25 -14.35 2.36
CA PHE A 257 -13.08 -13.20 2.73
C PHE A 257 -14.29 -13.63 3.56
N GLU A 258 -15.04 -14.62 3.05
CA GLU A 258 -16.26 -15.14 3.72
C GLU A 258 -16.03 -15.66 5.13
N ALA A 259 -14.97 -16.44 5.30
CA ALA A 259 -14.65 -16.99 6.61
C ALA A 259 -14.25 -15.86 7.58
N ALA A 260 -13.45 -14.90 7.11
CA ALA A 260 -13.02 -13.84 7.99
C ALA A 260 -14.17 -12.98 8.49
N VAL A 261 -15.11 -12.60 7.59
CA VAL A 261 -16.30 -11.83 7.98
C VAL A 261 -17.09 -12.60 9.06
N ALA A 262 -17.50 -13.82 8.73
CA ALA A 262 -18.08 -14.71 9.71
C ALA A 262 -17.37 -14.59 11.07
N SER A 263 -16.07 -14.83 11.08
CA SER A 263 -15.28 -14.85 12.30
C SER A 263 -15.26 -13.50 13.03
N ILE A 264 -15.03 -12.41 12.29
CA ILE A 264 -15.19 -11.04 12.87
C ILE A 264 -16.60 -10.79 13.44
N LYS A 265 -17.64 -11.11 12.65
CA LYS A 265 -19.04 -10.92 13.07
C LYS A 265 -19.34 -11.59 14.39
N ALA A 266 -18.81 -12.79 14.56
CA ALA A 266 -19.00 -13.61 15.77
C ALA A 266 -18.22 -13.00 16.91
N ALA A 267 -16.95 -12.66 16.71
CA ALA A 267 -16.13 -12.17 17.81
C ALA A 267 -16.62 -10.84 18.37
N SER A 268 -17.37 -10.08 17.57
CA SER A 268 -17.76 -8.76 18.02
C SER A 268 -19.25 -8.62 18.21
N SER A 269 -19.97 -9.76 18.23
CA SER A 269 -21.46 -9.87 18.19
C SER A 269 -22.12 -8.82 17.33
N THR A 270 -21.64 -8.60 16.11
CA THR A 270 -22.26 -7.63 15.20
C THR A 270 -23.05 -8.31 14.07
N GLU A 271 -23.39 -9.58 14.34
CA GLU A 271 -24.47 -10.31 13.63
C GLU A 271 -25.69 -9.39 13.26
N LYS A 272 -26.05 -8.42 14.09
CA LYS A 272 -27.12 -7.49 13.69
C LYS A 272 -26.73 -6.34 12.68
N PHE A 273 -25.46 -6.13 12.35
CA PHE A 273 -25.08 -5.05 11.39
C PHE A 273 -25.57 -5.43 9.99
N PRO A 274 -25.98 -4.42 9.18
CA PRO A 274 -26.50 -4.75 7.86
C PRO A 274 -25.42 -5.36 6.99
N ASP A 275 -25.77 -6.27 6.12
CA ASP A 275 -24.71 -6.87 5.40
C ASP A 275 -24.09 -5.83 4.44
N GLY A 276 -24.78 -4.75 4.14
CA GLY A 276 -24.15 -3.69 3.34
C GLY A 276 -22.86 -3.10 3.97
N PHE A 277 -22.71 -3.21 5.27
CA PHE A 277 -21.56 -2.62 5.92
C PHE A 277 -20.38 -3.51 5.57
N TRP A 278 -20.65 -4.80 5.57
CA TRP A 278 -19.63 -5.75 5.36
C TRP A 278 -19.14 -5.79 3.92
N LEU A 279 -19.96 -5.36 2.94
CA LEU A 279 -19.48 -5.30 1.55
C LEU A 279 -19.05 -3.89 1.23
N GLY A 280 -18.87 -3.06 2.25
CA GLY A 280 -18.30 -1.72 2.05
C GLY A 280 -19.23 -0.78 1.30
N GLU A 281 -20.52 -1.07 1.36
CA GLU A 281 -21.52 -0.25 0.74
C GLU A 281 -22.12 0.72 1.72
N GLN A 282 -21.94 0.47 3.03
CA GLN A 282 -22.28 1.47 4.07
C GLN A 282 -21.36 1.67 5.27
N LEU A 283 -21.34 2.90 5.79
CA LEU A 283 -20.56 3.35 6.97
C LEU A 283 -21.23 3.06 8.34
N VAL A 284 -20.46 2.76 9.36
CA VAL A 284 -21.05 2.63 10.66
C VAL A 284 -20.64 3.88 11.41
N CYS A 285 -21.60 4.52 12.11
CA CYS A 285 -21.39 5.81 12.81
C CYS A 285 -21.60 5.77 14.32
N TRP A 286 -20.61 6.24 15.08
CA TRP A 286 -20.69 6.29 16.52
C TRP A 286 -20.50 7.71 17.04
N GLN A 287 -20.98 7.97 18.26
CA GLN A 287 -20.71 9.24 18.86
C GLN A 287 -19.19 9.42 18.92
N ALA A 288 -18.77 10.59 18.40
CA ALA A 288 -17.33 10.98 18.42
C ALA A 288 -16.75 10.78 19.80
N GLY A 289 -15.66 10.01 19.86
CA GLY A 289 -14.91 9.74 21.05
C GLY A 289 -15.33 8.41 21.66
N THR A 290 -16.28 7.67 21.05
CA THR A 290 -16.85 6.52 21.79
C THR A 290 -16.73 5.23 21.03
N THR A 291 -16.04 5.22 19.89
CA THR A 291 -15.96 4.06 19.02
C THR A 291 -15.59 2.85 19.86
N PRO A 292 -16.36 1.77 19.76
CA PRO A 292 -16.09 0.72 20.73
C PRO A 292 -15.00 -0.25 20.21
N TRP A 293 -13.75 0.22 20.22
CA TRP A 293 -12.68 -0.49 19.54
C TRP A 293 -12.55 -1.92 19.99
N ASN A 294 -12.76 -2.09 21.26
CA ASN A 294 -12.45 -3.29 21.95
C ASN A 294 -13.49 -4.39 21.62
N ILE A 295 -14.66 -4.09 21.05
CA ILE A 295 -15.52 -5.25 20.74
C ILE A 295 -14.98 -5.97 19.50
N PHE A 296 -14.08 -5.30 18.78
CA PHE A 296 -13.57 -5.82 17.53
C PHE A 296 -12.20 -6.53 17.68
N PRO A 297 -12.05 -7.64 16.95
CA PRO A 297 -10.93 -8.55 17.10
C PRO A 297 -9.66 -8.07 16.37
N VAL A 298 -8.48 -8.33 16.94
CA VAL A 298 -7.23 -8.22 16.20
C VAL A 298 -7.18 -9.31 15.11
N ILE A 299 -6.46 -9.05 14.03
CA ILE A 299 -6.28 -10.06 12.94
C ILE A 299 -4.80 -10.32 12.77
N SER A 300 -4.36 -11.57 12.80
CA SER A 300 -2.96 -11.90 12.67
C SER A 300 -2.70 -12.60 11.36
N LEU A 301 -1.78 -12.12 10.51
CA LEU A 301 -1.25 -12.99 9.42
C LEU A 301 0.12 -13.54 9.80
N TYR A 302 0.28 -14.86 9.67
CA TYR A 302 1.60 -15.46 9.78
C TYR A 302 2.20 -15.46 8.39
N LEU A 303 3.43 -14.99 8.28
CA LEU A 303 4.10 -14.88 7.00
C LEU A 303 5.25 -15.83 7.05
N MET A 304 5.56 -16.44 5.90
CA MET A 304 6.68 -17.38 5.80
C MET A 304 7.96 -16.71 6.33
N GLY A 305 8.72 -17.41 7.18
CA GLY A 305 10.02 -16.88 7.64
C GLY A 305 11.17 -17.11 6.69
N GLU A 306 12.35 -16.69 7.14
CA GLU A 306 13.57 -16.86 6.37
C GLU A 306 14.23 -18.19 6.63
N VAL A 307 13.81 -18.98 7.60
CA VAL A 307 14.39 -20.32 7.70
C VAL A 307 13.29 -21.38 7.56
N THR A 308 13.69 -22.62 7.26
CA THR A 308 12.75 -23.73 7.00
C THR A 308 11.76 -23.91 8.18
N ASN A 309 10.47 -23.93 7.92
CA ASN A 309 9.48 -24.23 8.96
C ASN A 309 9.42 -23.21 10.08
N GLN A 310 9.91 -22.00 9.80
CA GLN A 310 9.74 -20.89 10.71
C GLN A 310 8.81 -19.82 10.09
N SER A 311 7.99 -19.18 10.93
CA SER A 311 7.19 -18.04 10.51
C SER A 311 7.19 -16.99 11.62
N PHE A 312 6.45 -15.92 11.37
CA PHE A 312 6.26 -14.83 12.33
C PHE A 312 4.88 -14.30 11.98
N ARG A 313 4.25 -13.63 12.94
CA ARG A 313 3.01 -12.94 12.60
C ARG A 313 3.07 -11.38 12.69
N ILE A 314 2.22 -10.75 11.87
CA ILE A 314 1.89 -9.37 11.99
C ILE A 314 0.44 -9.27 12.51
N THR A 315 0.14 -8.32 13.38
CA THR A 315 -1.23 -8.25 13.94
C THR A 315 -1.74 -6.83 13.77
N ILE A 316 -2.89 -6.68 13.14
CA ILE A 316 -3.50 -5.36 13.02
C ILE A 316 -4.72 -5.19 13.92
N LEU A 317 -5.06 -3.96 14.29
CA LEU A 317 -6.24 -3.69 15.13
C LEU A 317 -7.48 -3.29 14.31
N PRO A 318 -8.64 -3.18 14.95
CA PRO A 318 -9.72 -2.61 14.17
C PRO A 318 -9.40 -1.14 13.72
N GLN A 319 -8.50 -0.46 14.45
CA GLN A 319 -8.15 0.87 14.06
C GLN A 319 -7.53 0.88 12.65
N GLN A 320 -6.91 -0.22 12.19
CA GLN A 320 -6.47 -0.30 10.82
C GLN A 320 -7.64 -0.73 9.90
N TYR A 321 -8.45 -1.75 10.22
CA TYR A 321 -9.42 -2.27 9.19
C TYR A 321 -10.80 -1.58 9.17
N LEU A 322 -11.04 -0.68 10.10
CA LEU A 322 -12.16 0.23 10.05
C LEU A 322 -11.73 1.65 9.71
N ARG A 323 -11.98 2.17 8.51
CA ARG A 323 -11.39 3.46 8.21
C ARG A 323 -12.30 4.64 8.32
N PRO A 324 -11.75 5.68 8.97
CA PRO A 324 -12.50 6.92 9.25
C PRO A 324 -12.86 7.51 7.92
N VAL A 325 -14.13 7.91 7.80
CA VAL A 325 -14.65 8.67 6.66
C VAL A 325 -15.24 9.95 7.21
N GLU A 326 -14.76 11.09 6.71
CA GLU A 326 -15.18 12.44 7.12
C GLU A 326 -16.18 13.12 6.15
N ASP A 327 -16.69 14.28 6.58
CA ASP A 327 -17.61 15.12 5.76
C ASP A 327 -18.72 14.35 5.07
N VAL A 328 -19.17 13.27 5.67
CA VAL A 328 -20.42 12.58 5.23
C VAL A 328 -21.52 12.64 6.31
N ALA A 329 -21.18 13.25 7.45
CA ALA A 329 -22.02 13.26 8.65
C ALA A 329 -21.46 14.28 9.69
N THR A 330 -22.29 14.76 10.61
CA THR A 330 -21.83 15.70 11.68
C THR A 330 -20.47 15.39 12.38
N SER A 331 -19.69 16.44 12.69
CA SER A 331 -18.43 16.26 13.48
C SER A 331 -18.72 15.72 14.85
N GLN A 332 -19.96 15.81 15.29
CA GLN A 332 -20.36 15.19 16.57
C GLN A 332 -20.09 13.61 16.54
N ASP A 333 -19.86 13.05 15.32
CA ASP A 333 -19.92 11.59 15.06
C ASP A 333 -18.68 11.03 14.31
N ASP A 334 -18.13 9.91 14.73
CA ASP A 334 -17.13 9.28 13.88
C ASP A 334 -17.81 8.17 13.10
N CYS A 335 -17.55 8.11 11.80
CA CYS A 335 -18.15 7.12 10.90
C CYS A 335 -17.06 6.35 10.20
N TYR A 336 -17.27 5.07 9.87
CA TYR A 336 -16.21 4.25 9.37
C TYR A 336 -16.63 3.32 8.28
N LYS A 337 -15.65 2.90 7.47
CA LYS A 337 -15.88 1.90 6.44
C LYS A 337 -15.12 0.62 6.73
N PHE A 338 -15.78 -0.50 6.51
CA PHE A 338 -15.11 -1.76 6.65
C PHE A 338 -14.17 -1.91 5.45
N ALA A 339 -12.87 -2.08 5.71
CA ALA A 339 -11.89 -1.99 4.62
C ALA A 339 -11.14 -3.31 4.38
N ILE A 340 -11.81 -4.42 4.71
CA ILE A 340 -11.41 -5.74 4.27
C ILE A 340 -12.40 -6.07 3.17
N SER A 341 -11.94 -6.47 2.00
CA SER A 341 -12.86 -6.76 0.91
C SER A 341 -12.45 -7.95 0.08
N GLN A 342 -13.27 -8.30 -0.91
CA GLN A 342 -13.07 -9.55 -1.59
C GLN A 342 -12.29 -9.33 -2.84
N SER A 343 -11.56 -10.34 -3.27
CA SER A 343 -10.71 -10.19 -4.47
C SER A 343 -10.79 -11.48 -5.22
N SER A 344 -10.53 -11.46 -6.51
CA SER A 344 -10.49 -12.75 -7.20
C SER A 344 -9.14 -12.92 -7.90
N THR A 345 -8.18 -12.14 -7.43
CA THR A 345 -6.85 -12.16 -7.99
C THR A 345 -5.78 -12.27 -6.90
N GLY A 346 -6.14 -12.92 -5.79
CA GLY A 346 -5.19 -13.16 -4.70
C GLY A 346 -5.35 -12.22 -3.51
N THR A 347 -4.60 -12.43 -2.44
CA THR A 347 -4.61 -11.47 -1.33
C THR A 347 -3.87 -10.21 -1.74
N VAL A 348 -4.36 -9.07 -1.29
CA VAL A 348 -3.63 -7.78 -1.46
C VAL A 348 -3.45 -7.16 -0.08
N MET A 349 -2.21 -7.13 0.43
CA MET A 349 -1.96 -6.51 1.72
C MET A 349 -1.79 -5.01 1.44
N GLY A 350 -2.92 -4.30 1.42
CA GLY A 350 -2.90 -2.88 1.05
C GLY A 350 -2.59 -2.03 2.25
N ALA A 351 -3.04 -0.77 2.23
CA ALA A 351 -2.78 0.20 3.30
C ALA A 351 -3.30 -0.21 4.68
N VAL A 352 -4.43 -0.90 4.69
CA VAL A 352 -4.98 -1.46 5.93
C VAL A 352 -3.88 -2.21 6.70
N ILE A 353 -3.02 -2.98 5.96
CA ILE A 353 -1.90 -3.70 6.52
C ILE A 353 -0.70 -2.74 6.69
N MET A 354 -0.34 -2.03 5.63
CA MET A 354 0.84 -1.20 5.74
C MET A 354 0.81 -0.07 6.79
N GLU A 355 -0.39 0.50 7.02
CA GLU A 355 -0.52 1.49 8.11
C GLU A 355 -0.10 1.00 9.50
N GLY A 356 -0.04 -0.30 9.74
CA GLY A 356 0.38 -0.82 11.02
C GLY A 356 1.89 -0.83 11.21
N PHE A 357 2.63 -0.96 10.13
CA PHE A 357 3.99 -1.40 10.27
C PHE A 357 4.98 -0.50 9.58
N TYR A 358 6.24 -0.59 9.96
CA TYR A 358 7.26 -0.07 9.06
C TYR A 358 7.64 -1.19 8.08
N VAL A 359 7.65 -0.96 6.76
CA VAL A 359 7.79 -2.07 5.81
C VAL A 359 8.99 -1.88 4.96
N VAL A 360 9.93 -2.80 5.07
CA VAL A 360 11.21 -2.65 4.39
C VAL A 360 11.19 -3.57 3.18
N PHE A 361 11.43 -3.00 1.99
CA PHE A 361 11.40 -3.71 0.70
C PHE A 361 12.83 -4.00 0.29
N ASP A 362 13.38 -5.09 0.80
CA ASP A 362 14.83 -5.30 0.75
C ASP A 362 15.06 -6.10 -0.50
N ARG A 363 15.03 -5.39 -1.62
CA ARG A 363 15.22 -6.06 -2.92
C ARG A 363 16.58 -6.75 -3.04
N ALA A 364 17.60 -6.18 -2.48
CA ALA A 364 18.94 -6.75 -2.57
C ALA A 364 18.97 -8.13 -2.01
N ARG A 365 18.16 -8.41 -0.99
CA ARG A 365 18.18 -9.75 -0.36
C ARG A 365 16.84 -10.51 -0.52
N LYS A 366 16.03 -10.11 -1.51
CA LYS A 366 14.79 -10.76 -1.88
C LYS A 366 13.84 -10.95 -0.66
N ARG A 367 13.64 -9.92 0.17
CA ARG A 367 12.85 -10.13 1.37
C ARG A 367 12.12 -8.87 1.74
N ILE A 368 11.02 -9.02 2.49
CA ILE A 368 10.23 -7.89 2.98
C ILE A 368 10.31 -7.94 4.49
N GLY A 369 10.61 -6.80 5.11
CA GLY A 369 10.68 -6.75 6.58
C GLY A 369 9.48 -6.03 7.17
N PHE A 370 8.94 -6.53 8.30
CA PHE A 370 7.90 -5.84 9.07
C PHE A 370 8.39 -5.57 10.47
N ALA A 371 8.11 -4.36 10.95
CA ALA A 371 8.28 -3.98 12.37
C ALA A 371 7.10 -3.11 12.72
N VAL A 372 6.80 -2.99 14.02
CA VAL A 372 5.76 -2.10 14.45
C VAL A 372 6.14 -0.62 14.08
N SER A 373 5.21 0.09 13.44
CA SER A 373 5.35 1.48 13.08
C SER A 373 5.33 2.39 14.30
N ALA A 374 6.32 3.29 14.45
CA ALA A 374 6.20 4.40 15.46
C ALA A 374 4.90 5.22 15.29
N CYS A 375 4.25 5.18 14.13
CA CYS A 375 3.07 6.06 13.94
C CYS A 375 1.70 5.34 13.79
N HIS A 376 1.61 4.04 14.03
CA HIS A 376 0.31 3.37 13.86
C HIS A 376 -0.70 3.81 14.91
N VAL A 377 -1.94 3.97 14.42
CA VAL A 377 -3.09 4.31 15.27
C VAL A 377 -3.41 3.11 16.20
N HIS A 378 -3.37 3.34 17.52
CA HIS A 378 -3.70 2.28 18.51
C HIS A 378 -4.47 2.91 19.69
N ASP A 379 -4.74 2.14 20.74
CA ASP A 379 -5.38 2.66 21.92
C ASP A 379 -4.53 2.28 23.12
N GLU A 380 -5.03 2.59 24.32
CA GLU A 380 -4.25 2.45 25.53
C GLU A 380 -4.32 0.99 25.94
N PHE A 381 -5.21 0.21 25.31
CA PHE A 381 -5.30 -1.22 25.62
C PHE A 381 -4.56 -2.20 24.69
N ARG A 382 -4.24 -1.81 23.46
CA ARG A 382 -3.78 -2.77 22.44
C ARG A 382 -2.93 -2.03 21.42
N THR A 383 -1.92 -2.69 20.89
CA THR A 383 -1.14 -2.14 19.77
C THR A 383 -1.00 -3.17 18.64
N ALA A 384 -0.68 -2.73 17.42
CA ALA A 384 -0.27 -3.60 16.33
C ALA A 384 1.01 -4.29 16.82
N ALA A 385 1.27 -5.49 16.32
CA ALA A 385 2.42 -6.25 16.78
C ALA A 385 3.07 -7.03 15.62
N VAL A 386 4.36 -7.36 15.81
CA VAL A 386 5.13 -8.20 14.90
C VAL A 386 5.91 -9.11 15.80
N GLU A 387 5.65 -10.40 15.75
CA GLU A 387 6.12 -11.38 16.74
C GLU A 387 6.55 -12.69 16.10
N GLY A 388 7.57 -13.30 16.71
CA GLY A 388 8.02 -14.59 16.24
C GLY A 388 9.24 -14.95 17.04
N PRO A 389 9.94 -16.04 16.69
CA PRO A 389 9.68 -16.97 15.63
C PRO A 389 8.62 -17.96 16.05
N PHE A 390 7.91 -18.55 15.11
CA PHE A 390 7.04 -19.68 15.39
C PHE A 390 7.51 -20.79 14.52
N VAL A 391 7.52 -21.99 15.05
CA VAL A 391 7.88 -23.17 14.35
C VAL A 391 6.59 -23.70 13.81
N THR A 392 6.50 -23.93 12.52
CA THR A 392 5.24 -24.34 11.91
C THR A 392 5.42 -25.84 11.69
N LEU A 393 4.69 -26.65 12.46
CA LEU A 393 4.92 -28.14 12.49
C LEU A 393 4.63 -28.74 11.07
N ASP A 394 3.62 -28.13 10.42
CA ASP A 394 3.23 -28.31 9.02
C ASP A 394 4.32 -27.98 8.02
N MET A 395 4.72 -28.97 7.25
CA MET A 395 5.66 -28.68 6.20
C MET A 395 4.95 -28.62 4.84
N GLU A 396 3.66 -28.29 4.84
CA GLU A 396 2.91 -28.08 3.58
C GLU A 396 3.43 -26.81 2.86
N ASP A 397 3.50 -26.85 1.52
CA ASP A 397 3.91 -25.66 0.78
C ASP A 397 2.69 -24.79 0.54
N CYS A 398 2.65 -23.60 1.16
CA CYS A 398 1.47 -22.75 1.08
C CYS A 398 1.28 -21.96 -0.20
N GLY A 399 2.26 -21.98 -1.09
CA GLY A 399 2.21 -21.18 -2.29
C GLY A 399 1.26 -21.87 -3.23
N TYR A 400 0.51 -21.11 -4.00
CA TYR A 400 -0.30 -21.65 -5.05
C TYR A 400 0.52 -21.84 -6.33
N ASN A 401 0.42 -23.03 -6.92
CA ASN A 401 1.35 -23.48 -7.96
C ASN A 401 0.74 -23.57 -9.39
N ILE A 402 -0.42 -24.23 -9.56
CA ILE A 402 -0.88 -24.66 -10.93
C ILE A 402 -1.65 -23.62 -11.74
C ACE B 1 -30.61 9.08 23.06
O ACE B 1 -31.38 8.37 22.38
CH3 ACE B 1 -30.84 9.10 24.55
N ALA B 2 -29.40 9.50 22.64
CA ALA B 2 -28.93 9.44 21.21
C ALA B 2 -28.84 8.02 20.69
N LEU B 3 -29.17 7.84 19.37
CA LEU B 3 -29.26 6.51 18.68
C LEU B 3 -27.92 6.10 18.08
N TYR B 4 -27.30 5.07 18.64
CA TYR B 4 -26.00 4.57 18.14
C TYR B 4 -25.75 3.06 18.32
N PRO B 5 -25.02 2.42 17.36
CA PRO B 5 -24.55 3.05 16.11
C PRO B 5 -25.69 3.13 15.09
N TYR B 6 -25.51 3.96 14.06
CA TYR B 6 -26.39 3.94 12.91
C TYR B 6 -25.56 3.83 11.59
N PHE B 7 -26.21 3.69 10.43
CA PHE B 7 -25.52 3.35 9.18
C PHE B 7 -25.86 4.33 8.11
N LEU B 8 -24.90 4.66 7.25
CA LEU B 8 -25.16 5.59 6.14
C LEU B 8 -24.78 4.90 4.86
N PRO B 9 -25.56 5.11 3.79
CA PRO B 9 -25.03 4.55 2.53
C PRO B 9 -23.77 5.31 1.98
N ILE B 10 -23.00 4.67 1.11
CA ILE B 10 -21.92 5.34 0.38
C ILE B 10 -22.30 5.48 -1.11
C11 BSD C . -4.19 3.97 -1.83
C12 BSD C . -3.57 3.81 -0.59
C13 BSD C . -4.20 4.35 0.55
C14 BSD C . -5.43 5.01 0.42
C15 BSD C . -6.03 5.17 -0.83
C16 BSD C . -5.40 4.68 -1.95
C17 BSD C . -6.08 4.82 -3.28
C18 BSD C . -5.15 5.53 -4.23
N21 BSD C . -6.29 3.47 -3.84
C21 BSD C . -7.49 2.92 -4.07
O21 BSD C . -8.51 3.52 -3.84
C23 BSD C . -7.58 1.57 -4.65
C24 BSD C . -8.51 0.64 -4.17
C25 BSD C . -8.50 -0.62 -4.73
C26 BSD C . -7.63 -0.97 -5.77
C27 BSD C . -6.68 -0.09 -6.25
C28 BSD C . -6.68 1.19 -5.69
N22 BSD C . -9.43 -1.56 -4.33
C29 BSD C . -9.98 -2.51 -5.33
S2 BSD C . -9.99 -1.65 -2.80
O23 BSD C . -10.29 -3.04 -2.67
O24 BSD C . -9.02 -1.05 -1.92
C20 BSD C . -11.52 -0.68 -2.98
C22 BSD C . -5.71 -0.38 -7.30
O22 BSD C . -5.96 -1.00 -8.33
N3 BSD C . -4.47 0.11 -7.07
C31 BSD C . -3.41 -0.01 -8.07
C32 BSD C . -2.80 1.38 -8.27
C33 BSD C . -3.77 2.58 -8.31
C34 BSD C . -4.97 2.60 -8.99
C35 BSD C . -5.81 3.74 -8.99
C36 BSD C . -5.47 4.94 -8.38
C37 BSD C . -4.25 4.94 -7.75
C38 BSD C . -3.42 3.77 -7.71
C39 BSD C . -2.36 -1.09 -7.72
O3 BSD C . -1.21 -0.93 -8.60
C30 BSD C . -3.00 -2.47 -7.88
N4 BSD C . -1.98 -3.48 -7.63
C41 BSD C . -2.37 -4.79 -8.20
C42 BSD C . -2.50 -4.73 -9.74
C43 BSD C . -1.42 -4.18 -10.49
C44 BSD C . -1.51 -4.07 -11.87
C45 BSD C . -2.64 -4.51 -12.51
C46 BSD C . -3.70 -5.05 -11.77
C47 BSD C . -3.67 -5.17 -10.39
O4 BSD C . -0.43 -3.58 -12.52
C48 BSD C . -0.59 -3.26 -13.91
#